data_4HEE
#
_entry.id   4HEE
#
_cell.length_a   54.787
_cell.length_b   72.382
_cell.length_c   143.868
_cell.angle_alpha   90.00
_cell.angle_beta   90.00
_cell.angle_gamma   90.00
#
_symmetry.space_group_name_H-M   'C 2 2 21'
#
loop_
_entity.id
_entity.type
_entity.pdbx_description
1 polymer 'Peroxisome proliferator-activated receptor gamma'
2 polymer 'Nuclear receptor coactivator 1'
3 non-polymer 5-benzyl-2-ethyl-3-{(1S)-5-[2-(1H-tetrazol-5-yl)phenyl]-2,3-dihydro-1H-inden-1-yl}-3,5-dihydro-4H-imidazo[4,5-c]pyridin-4-one
4 water water
#
loop_
_entity_poly.entity_id
_entity_poly.type
_entity_poly.pdbx_seq_one_letter_code
_entity_poly.pdbx_strand_id
1 'polypeptide(L)'
;MKKGHHHHHHGESADLRALAKHLYDSYIKSFPLTKAKARAILTGKTTDKSPFVIYDMNSLMMGEDKIKFKHITPLQEQSK
EVAIRIFQGCQFRSVEAVQEITEYAKSIPGFVNLDLNDQVTLLKYGVHEIIYTMLASLMNKDGVLISEGQGFMTREFLKS
LRKPFGDFMEPKFEFAVKFNALELDDSDLAIFIAVIILSGDRPGLLNVKPIEDIQDNLLQALELQLKLNHPESSQLFAKL
LQKMTDLRQIVTEHVQLLQVIKKTETDMSLHPLLQEIYKDLY
;
X
2 'polypeptide(L)' CPSSHSSLTERHKILHRLLQEGSPS Y
#
loop_
_chem_comp.id
_chem_comp.type
_chem_comp.name
_chem_comp.formula
14R non-polymer 5-benzyl-2-ethyl-3-{(1S)-5-[2-(1H-tetrazol-5-yl)phenyl]-2,3-dihydro-1H-inden-1-yl}-3,5-dihydro-4H-imidazo[4,5-c]pyridin-4-one 'C31 H27 N7 O'
#
# COMPACT_ATOMS: atom_id res chain seq x y z
N ALA A 14 5.52 9.40 -25.77
CA ALA A 14 4.63 8.82 -26.78
C ALA A 14 4.35 7.34 -26.44
N ASP A 15 5.42 6.54 -26.35
CA ASP A 15 5.37 5.14 -25.94
C ASP A 15 5.29 5.21 -24.41
N LEU A 16 5.95 6.23 -23.80
CA LEU A 16 6.00 6.55 -22.36
C LEU A 16 4.66 7.16 -21.83
N ARG A 17 3.85 7.77 -22.72
CA ARG A 17 2.54 8.34 -22.33
C ARG A 17 1.49 7.25 -22.37
N ALA A 18 1.55 6.39 -23.39
CA ALA A 18 0.68 5.22 -23.58
C ALA A 18 0.86 4.30 -22.36
N LEU A 19 2.12 4.19 -21.86
CA LEU A 19 2.49 3.43 -20.67
C LEU A 19 1.85 4.05 -19.42
N ALA A 20 1.86 5.39 -19.32
CA ALA A 20 1.24 6.11 -18.20
C ALA A 20 -0.28 5.88 -18.24
N LYS A 21 -0.90 6.10 -19.43
CA LYS A 21 -2.33 5.92 -19.70
C LYS A 21 -2.74 4.47 -19.47
N HIS A 22 -1.86 3.51 -19.80
CA HIS A 22 -2.13 2.09 -19.59
C HIS A 22 -2.19 1.79 -18.10
N LEU A 23 -1.21 2.32 -17.33
CA LEU A 23 -1.08 2.10 -15.88
C LEU A 23 -2.19 2.77 -15.10
N TYR A 24 -2.67 3.93 -15.60
CA TYR A 24 -3.77 4.64 -14.95
C TYR A 24 -5.04 3.82 -15.03
N ASP A 25 -5.36 3.31 -16.23
CA ASP A 25 -6.53 2.47 -16.50
C ASP A 25 -6.54 1.21 -15.62
N SER A 26 -5.39 0.51 -15.50
CA SER A 26 -5.23 -0.69 -14.68
C SER A 26 -5.33 -0.38 -13.19
N TYR A 27 -4.78 0.76 -12.75
CA TYR A 27 -4.86 1.22 -11.37
C TYR A 27 -6.34 1.45 -11.01
N ILE A 28 -7.15 2.01 -11.93
CA ILE A 28 -8.58 2.26 -11.71
C ILE A 28 -9.41 0.94 -11.70
N LYS A 29 -8.98 -0.06 -12.50
CA LYS A 29 -9.65 -1.37 -12.55
C LYS A 29 -9.35 -2.18 -11.28
N SER A 30 -8.10 -2.10 -10.78
CA SER A 30 -7.60 -2.87 -9.64
C SER A 30 -7.90 -2.27 -8.27
N PHE A 31 -7.87 -0.92 -8.16
CA PHE A 31 -8.09 -0.27 -6.88
C PHE A 31 -9.45 0.45 -6.78
N PRO A 32 -10.42 -0.16 -6.04
CA PRO A 32 -11.76 0.46 -5.93
C PRO A 32 -11.80 1.79 -5.15
N LEU A 33 -10.95 1.97 -4.12
CA LEU A 33 -10.90 3.25 -3.40
C LEU A 33 -9.60 4.00 -3.74
N THR A 34 -9.72 5.00 -4.63
CA THR A 34 -8.59 5.78 -5.14
C THR A 34 -8.36 7.04 -4.32
N LYS A 35 -7.20 7.70 -4.52
CA LYS A 35 -6.89 8.97 -3.86
C LYS A 35 -7.98 10.04 -4.17
N ALA A 36 -8.52 10.07 -5.43
CA ALA A 36 -9.58 11.01 -5.83
C ALA A 36 -10.88 10.75 -5.09
N LYS A 37 -11.27 9.46 -4.97
CA LYS A 37 -12.48 9.07 -4.24
C LYS A 37 -12.37 9.41 -2.74
N ALA A 38 -11.21 9.10 -2.13
CA ALA A 38 -10.89 9.36 -0.72
C ALA A 38 -10.90 10.84 -0.37
N ARG A 39 -10.24 11.67 -1.21
CA ARG A 39 -10.14 13.11 -1.02
C ARG A 39 -11.47 13.82 -1.20
N ALA A 40 -12.35 13.29 -2.07
CA ALA A 40 -13.69 13.86 -2.30
C ALA A 40 -14.51 13.72 -1.00
N ILE A 41 -14.30 12.61 -0.28
CA ILE A 41 -15.00 12.34 0.97
C ILE A 41 -14.45 13.21 2.11
N LEU A 42 -13.11 13.29 2.24
CA LEU A 42 -12.41 14.06 3.29
C LEU A 42 -12.54 15.58 3.21
N THR A 43 -12.70 16.15 1.99
CA THR A 43 -12.77 17.60 1.76
C THR A 43 -14.08 18.28 2.12
N GLY A 44 -15.17 17.51 2.18
CA GLY A 44 -16.49 18.03 2.57
C GLY A 44 -17.57 17.92 1.51
N LYS A 45 -17.52 16.84 0.69
CA LYS A 45 -18.52 16.57 -0.34
C LYS A 45 -18.73 15.07 -0.53
N LYS A 49 -22.69 12.15 0.62
CA LYS A 49 -22.82 11.48 1.92
C LYS A 49 -22.02 12.21 3.03
N SER A 50 -21.45 11.45 4.03
CA SER A 50 -20.65 11.91 5.17
C SER A 50 -20.18 10.71 6.05
N PRO A 51 -18.85 10.47 6.20
CA PRO A 51 -18.39 9.32 7.00
C PRO A 51 -18.58 9.48 8.51
N PHE A 52 -18.89 8.37 9.21
CA PHE A 52 -19.07 8.41 10.66
C PHE A 52 -17.71 8.61 11.32
N VAL A 53 -17.60 9.60 12.21
CA VAL A 53 -16.33 9.84 12.87
C VAL A 53 -16.20 9.04 14.17
N ILE A 54 -15.15 8.19 14.27
CA ILE A 54 -14.83 7.40 15.47
C ILE A 54 -13.64 8.08 16.13
N TYR A 55 -13.88 8.75 17.26
CA TYR A 55 -12.86 9.50 17.99
C TYR A 55 -12.64 8.99 19.42
N ASP A 56 -13.51 8.04 19.86
CA ASP A 56 -13.48 7.38 21.17
C ASP A 56 -14.30 6.09 21.19
N MET A 57 -14.31 5.40 22.34
CA MET A 57 -14.98 4.12 22.56
C MET A 57 -16.50 4.24 22.41
N ASN A 58 -17.06 5.41 22.80
CA ASN A 58 -18.47 5.76 22.70
C ASN A 58 -18.92 5.88 21.23
N SER A 59 -18.26 6.77 20.46
CA SER A 59 -18.52 6.97 19.04
C SER A 59 -18.33 5.65 18.28
N LEU A 60 -17.30 4.82 18.65
CA LEU A 60 -17.06 3.51 18.03
C LEU A 60 -18.28 2.60 18.14
N MET A 61 -18.79 2.45 19.37
CA MET A 61 -19.99 1.68 19.73
C MET A 61 -21.19 2.18 18.90
N MET A 62 -21.36 3.53 18.81
CA MET A 62 -22.42 4.22 18.06
C MET A 62 -22.42 3.81 16.59
N GLY A 63 -21.25 3.94 15.96
CA GLY A 63 -21.07 3.61 14.55
C GLY A 63 -20.63 2.20 14.26
N GLU A 64 -21.01 1.21 15.08
CA GLU A 64 -20.64 -0.19 14.83
C GLU A 64 -21.39 -0.82 13.62
N ASP A 65 -22.42 -0.13 13.12
CA ASP A 65 -23.18 -0.54 11.93
C ASP A 65 -22.64 0.24 10.69
N LYS A 66 -21.30 0.23 10.52
CA LYS A 66 -20.46 0.83 9.45
C LYS A 66 -18.95 0.81 9.76
N GLU A 81 -12.29 -7.46 22.48
CA GLU A 81 -11.24 -6.47 22.67
C GLU A 81 -11.09 -5.60 21.43
N VAL A 82 -11.28 -4.26 21.59
CA VAL A 82 -11.22 -3.26 20.50
C VAL A 82 -9.89 -3.20 19.77
N ALA A 83 -8.76 -3.06 20.52
CA ALA A 83 -7.39 -3.02 19.98
C ALA A 83 -7.19 -4.19 19.00
N ILE A 84 -7.58 -5.40 19.42
CA ILE A 84 -7.53 -6.63 18.64
C ILE A 84 -8.56 -6.63 17.46
N ARG A 85 -9.80 -6.13 17.70
CA ARG A 85 -10.87 -6.06 16.69
C ARG A 85 -10.48 -5.10 15.56
N ILE A 86 -9.84 -3.96 15.92
CA ILE A 86 -9.34 -2.96 14.95
C ILE A 86 -8.15 -3.58 14.18
N PHE A 87 -7.22 -4.25 14.90
CA PHE A 87 -6.04 -4.92 14.31
C PHE A 87 -6.42 -5.98 13.28
N GLN A 88 -7.52 -6.73 13.53
CA GLN A 88 -8.04 -7.73 12.62
C GLN A 88 -8.58 -7.07 11.35
N GLY A 89 -9.18 -5.89 11.51
CA GLY A 89 -9.63 -5.09 10.38
C GLY A 89 -8.45 -4.66 9.52
N CYS A 90 -7.34 -4.25 10.20
CA CYS A 90 -6.10 -3.84 9.55
C CYS A 90 -5.53 -4.97 8.70
N GLN A 91 -5.60 -6.21 9.24
CA GLN A 91 -5.16 -7.44 8.59
C GLN A 91 -6.00 -7.79 7.36
N PHE A 92 -7.34 -7.85 7.54
CA PHE A 92 -8.33 -8.12 6.50
C PHE A 92 -8.23 -7.16 5.32
N ARG A 93 -8.09 -5.86 5.60
CA ARG A 93 -7.95 -4.83 4.57
C ARG A 93 -6.58 -4.93 3.88
N SER A 94 -5.53 -5.25 4.66
CA SER A 94 -4.18 -5.50 4.16
C SER A 94 -4.16 -6.75 3.21
N VAL A 95 -4.98 -7.79 3.52
CA VAL A 95 -5.16 -9.00 2.70
C VAL A 95 -5.79 -8.64 1.33
N GLU A 96 -6.90 -7.85 1.35
CA GLU A 96 -7.58 -7.39 0.14
C GLU A 96 -6.68 -6.53 -0.73
N ALA A 97 -5.84 -5.67 -0.08
CA ALA A 97 -4.86 -4.82 -0.76
C ALA A 97 -3.81 -5.67 -1.50
N VAL A 98 -3.35 -6.79 -0.88
CA VAL A 98 -2.40 -7.72 -1.51
C VAL A 98 -3.00 -8.27 -2.81
N GLN A 99 -4.32 -8.61 -2.79
CA GLN A 99 -5.01 -9.16 -3.96
C GLN A 99 -5.12 -8.10 -5.07
N GLU A 100 -5.47 -6.87 -4.70
CA GLU A 100 -5.54 -5.71 -5.62
C GLU A 100 -4.18 -5.44 -6.25
N ILE A 101 -3.09 -5.45 -5.42
CA ILE A 101 -1.71 -5.20 -5.87
C ILE A 101 -1.20 -6.26 -6.83
N THR A 102 -1.57 -7.52 -6.57
CA THR A 102 -1.23 -8.68 -7.41
C THR A 102 -1.93 -8.55 -8.78
N GLU A 103 -3.21 -8.13 -8.79
CA GLU A 103 -3.97 -7.95 -10.03
C GLU A 103 -3.37 -6.80 -10.86
N TYR A 104 -2.97 -5.71 -10.16
CA TYR A 104 -2.36 -4.55 -10.76
C TYR A 104 -0.96 -4.90 -11.37
N ALA A 105 -0.13 -5.67 -10.63
CA ALA A 105 1.22 -6.10 -11.03
C ALA A 105 1.20 -6.81 -12.37
N LYS A 106 0.23 -7.70 -12.56
CA LYS A 106 0.01 -8.48 -13.77
C LYS A 106 -0.17 -7.63 -15.03
N SER A 107 -0.80 -6.45 -14.88
CA SER A 107 -1.02 -5.49 -15.94
C SER A 107 0.28 -4.69 -16.28
N ILE A 108 1.34 -4.75 -15.41
CA ILE A 108 2.62 -4.06 -15.69
C ILE A 108 3.29 -4.76 -16.86
N PRO A 109 3.50 -4.04 -17.99
CA PRO A 109 4.10 -4.69 -19.17
C PRO A 109 5.43 -5.40 -18.86
N GLY A 110 5.41 -6.71 -19.05
CA GLY A 110 6.57 -7.55 -18.83
C GLY A 110 6.54 -8.35 -17.54
N PHE A 111 5.74 -7.89 -16.53
CA PHE A 111 5.66 -8.57 -15.23
C PHE A 111 5.41 -10.09 -15.35
N VAL A 112 4.33 -10.47 -16.08
CA VAL A 112 3.91 -11.87 -16.26
C VAL A 112 4.90 -12.78 -16.94
N ASN A 113 5.84 -12.24 -17.73
CA ASN A 113 6.85 -13.07 -18.41
C ASN A 113 8.21 -13.16 -17.73
N LEU A 114 8.31 -12.54 -16.54
CA LEU A 114 9.45 -12.69 -15.65
C LEU A 114 9.31 -14.11 -15.04
N ASP A 115 10.40 -14.74 -14.60
CA ASP A 115 10.27 -16.02 -13.92
C ASP A 115 9.19 -15.93 -12.80
N LEU A 116 8.34 -16.96 -12.63
CA LEU A 116 7.27 -17.04 -11.62
C LEU A 116 7.77 -16.88 -10.16
N ASN A 117 9.00 -17.37 -9.86
CA ASN A 117 9.61 -17.22 -8.53
C ASN A 117 9.94 -15.74 -8.31
N ASP A 118 10.40 -15.04 -9.38
CA ASP A 118 10.70 -13.60 -9.31
C ASP A 118 9.42 -12.79 -9.14
N GLN A 119 8.31 -13.21 -9.77
CA GLN A 119 7.01 -12.55 -9.62
C GLN A 119 6.58 -12.57 -8.12
N VAL A 120 6.74 -13.76 -7.44
CA VAL A 120 6.48 -14.03 -6.01
C VAL A 120 7.31 -13.10 -5.10
N THR A 121 8.65 -13.11 -5.27
CA THR A 121 9.63 -12.28 -4.57
C THR A 121 9.28 -10.78 -4.64
N LEU A 122 9.02 -10.27 -5.87
CA LEU A 122 8.66 -8.86 -6.08
C LEU A 122 7.39 -8.45 -5.28
N LEU A 123 6.36 -9.31 -5.31
CA LEU A 123 5.14 -9.11 -4.55
C LEU A 123 5.42 -9.21 -3.08
N LYS A 124 6.09 -10.29 -2.65
CA LYS A 124 6.41 -10.56 -1.24
C LYS A 124 7.16 -9.40 -0.56
N TYR A 125 8.12 -8.78 -1.26
CA TYR A 125 8.88 -7.68 -0.69
C TYR A 125 8.33 -6.26 -0.91
N GLY A 126 7.63 -6.04 -2.02
CA GLY A 126 7.11 -4.72 -2.38
C GLY A 126 5.69 -4.39 -1.93
N VAL A 127 4.89 -5.41 -1.61
CA VAL A 127 3.48 -5.24 -1.23
C VAL A 127 3.21 -4.33 0.00
N HIS A 128 4.08 -4.37 1.02
CA HIS A 128 3.94 -3.56 2.21
C HIS A 128 4.36 -2.14 2.05
N GLU A 129 5.14 -1.85 1.00
CA GLU A 129 5.60 -0.53 0.66
C GLU A 129 4.46 0.19 -0.03
N ILE A 130 3.73 -0.55 -0.90
CA ILE A 130 2.61 -0.05 -1.69
C ILE A 130 1.42 0.24 -0.80
N ILE A 131 1.11 -0.66 0.13
CA ILE A 131 0.07 -0.53 1.15
C ILE A 131 0.33 0.73 1.97
N TYR A 132 1.59 0.98 2.37
CA TYR A 132 2.00 2.16 3.12
C TYR A 132 1.72 3.43 2.31
N THR A 133 2.15 3.42 1.01
CA THR A 133 1.93 4.49 0.04
C THR A 133 0.44 4.78 -0.16
N MET A 134 -0.35 3.72 -0.35
CA MET A 134 -1.78 3.81 -0.63
C MET A 134 -2.64 4.11 0.59
N LEU A 135 -2.16 3.74 1.80
CA LEU A 135 -2.81 4.09 3.07
C LEU A 135 -2.74 5.64 3.25
N ALA A 136 -1.66 6.29 2.76
CA ALA A 136 -1.48 7.74 2.83
C ALA A 136 -2.59 8.47 2.09
N SER A 137 -3.13 7.83 1.04
CA SER A 137 -4.21 8.33 0.21
C SER A 137 -5.55 8.47 0.96
N LEU A 138 -5.76 7.68 2.02
CA LEU A 138 -6.96 7.70 2.87
C LEU A 138 -6.78 8.52 4.15
N MET A 139 -5.56 9.04 4.38
CA MET A 139 -5.22 9.75 5.59
C MET A 139 -4.98 11.27 5.50
N ASN A 140 -5.20 11.94 6.64
CA ASN A 140 -4.78 13.30 6.93
C ASN A 140 -4.15 13.28 8.34
N LYS A 141 -3.69 14.43 8.82
CA LYS A 141 -3.00 14.57 10.12
C LYS A 141 -3.89 14.23 11.31
N ASP A 142 -5.24 14.18 11.12
CA ASP A 142 -6.24 13.89 12.15
C ASP A 142 -6.87 12.47 12.11
N GLY A 143 -6.82 11.80 10.98
CA GLY A 143 -7.40 10.47 10.91
C GLY A 143 -7.33 9.74 9.59
N VAL A 144 -8.02 8.61 9.52
CA VAL A 144 -8.03 7.71 8.38
C VAL A 144 -9.43 7.27 8.01
N LEU A 145 -9.75 7.32 6.70
CA LEU A 145 -11.01 6.82 6.14
C LEU A 145 -11.01 5.30 6.28
N ILE A 146 -12.08 4.76 6.87
CA ILE A 146 -12.20 3.31 7.09
C ILE A 146 -13.50 2.81 6.49
N SER A 147 -13.65 1.48 6.39
CA SER A 147 -14.80 0.74 5.85
C SER A 147 -15.34 1.35 4.58
N GLU A 148 -14.52 1.32 3.52
CA GLU A 148 -14.86 1.79 2.18
C GLU A 148 -15.26 3.27 2.09
N GLY A 149 -14.86 4.06 3.08
CA GLY A 149 -15.18 5.47 3.17
C GLY A 149 -16.38 5.77 4.05
N GLN A 150 -16.95 4.73 4.71
CA GLN A 150 -18.13 4.91 5.57
C GLN A 150 -17.78 5.49 6.96
N GLY A 151 -16.55 5.27 7.39
CA GLY A 151 -16.08 5.75 8.67
C GLY A 151 -14.81 6.57 8.61
N PHE A 152 -14.43 7.17 9.74
CA PHE A 152 -13.20 7.96 9.90
C PHE A 152 -12.72 7.80 11.33
N MET A 153 -11.69 6.99 11.51
CA MET A 153 -11.11 6.69 12.80
C MET A 153 -10.02 7.75 13.09
N THR A 154 -10.14 8.48 14.22
CA THR A 154 -9.14 9.52 14.51
C THR A 154 -7.77 9.00 14.90
N ARG A 155 -6.76 9.79 14.56
CA ARG A 155 -5.38 9.52 14.87
C ARG A 155 -5.21 9.46 16.40
N GLU A 156 -5.88 10.37 17.14
CA GLU A 156 -5.86 10.37 18.61
C GLU A 156 -6.51 9.13 19.21
N PHE A 157 -7.63 8.61 18.62
CA PHE A 157 -8.28 7.38 19.07
C PHE A 157 -7.38 6.15 18.85
N LEU A 158 -6.69 6.07 17.69
CA LEU A 158 -5.77 4.94 17.43
C LEU A 158 -4.55 4.98 18.37
N LYS A 159 -3.95 6.18 18.54
CA LYS A 159 -2.86 6.49 19.47
C LYS A 159 -3.28 6.13 20.92
N SER A 160 -4.60 6.21 21.23
CA SER A 160 -5.14 5.92 22.56
C SER A 160 -5.25 4.42 22.90
N LEU A 161 -5.04 3.54 21.91
CA LEU A 161 -5.18 2.09 22.15
C LEU A 161 -4.11 1.47 23.08
N ARG A 162 -4.44 0.34 23.72
CA ARG A 162 -3.54 -0.32 24.68
C ARG A 162 -2.19 -0.83 24.17
N LYS A 163 -1.16 -0.71 25.03
CA LYS A 163 0.27 -1.06 24.92
C LYS A 163 0.89 -1.22 23.54
N PRO A 164 0.77 -2.37 22.79
CA PRO A 164 1.41 -2.42 21.47
C PRO A 164 0.58 -1.73 20.37
N PHE A 165 -0.72 -2.05 20.29
CA PHE A 165 -1.72 -1.60 19.32
C PHE A 165 -1.83 -0.09 19.13
N GLY A 166 -1.52 0.65 20.19
CA GLY A 166 -1.53 2.11 20.18
C GLY A 166 -0.42 2.68 19.32
N ASP A 167 0.67 1.93 19.15
CA ASP A 167 1.83 2.31 18.34
C ASP A 167 1.72 1.86 16.86
N PHE A 168 0.68 1.10 16.52
CA PHE A 168 0.54 0.55 15.18
C PHE A 168 0.43 1.57 14.05
N MET A 169 -0.54 2.51 14.15
CA MET A 169 -0.83 3.53 13.14
C MET A 169 0.05 4.74 13.09
N GLU A 170 0.48 5.24 14.27
CA GLU A 170 1.28 6.47 14.32
C GLU A 170 2.40 6.63 13.26
N PRO A 171 3.27 5.62 12.97
CA PRO A 171 4.29 5.82 11.91
C PRO A 171 3.70 5.97 10.50
N LYS A 172 2.54 5.36 10.26
CA LYS A 172 1.83 5.44 8.99
C LYS A 172 1.31 6.85 8.80
N PHE A 173 0.84 7.47 9.91
CA PHE A 173 0.33 8.84 9.90
C PHE A 173 1.47 9.81 9.64
N GLU A 174 2.62 9.60 10.31
CA GLU A 174 3.80 10.44 10.12
C GLU A 174 4.35 10.39 8.69
N PHE A 175 4.30 9.20 8.05
CA PHE A 175 4.71 9.00 6.65
C PHE A 175 3.72 9.72 5.70
N ALA A 176 2.40 9.49 5.85
CA ALA A 176 1.32 10.12 5.07
C ALA A 176 1.39 11.66 5.02
N VAL A 177 1.67 12.32 6.15
CA VAL A 177 1.74 13.78 6.28
C VAL A 177 2.81 14.39 5.35
N LYS A 178 4.03 13.84 5.38
CA LYS A 178 5.14 14.22 4.53
C LYS A 178 4.89 13.79 3.05
N PHE A 179 4.26 12.61 2.83
CA PHE A 179 3.98 12.07 1.48
C PHE A 179 2.83 12.77 0.75
N ASN A 180 1.74 13.09 1.47
CA ASN A 180 0.57 13.76 0.88
C ASN A 180 0.84 15.20 0.49
N ALA A 181 1.89 15.81 1.08
CA ALA A 181 2.34 17.17 0.78
C ALA A 181 3.01 17.19 -0.60
N LEU A 182 3.44 16.00 -1.12
CA LEU A 182 4.04 15.89 -2.46
C LEU A 182 2.97 16.17 -3.53
N GLU A 183 1.69 15.94 -3.14
CA GLU A 183 0.45 16.20 -3.88
C GLU A 183 0.27 15.38 -5.16
N LEU A 184 0.55 14.10 -5.07
CA LEU A 184 0.38 13.21 -6.22
C LEU A 184 -1.07 12.81 -6.32
N ASP A 185 -1.53 12.54 -7.55
CA ASP A 185 -2.88 12.06 -7.85
C ASP A 185 -2.78 10.57 -8.22
N ASP A 186 -3.87 9.96 -8.67
CA ASP A 186 -3.94 8.55 -9.04
C ASP A 186 -3.06 8.15 -10.19
N SER A 187 -2.99 9.00 -11.22
CA SER A 187 -2.16 8.79 -12.43
C SER A 187 -0.67 8.82 -12.16
N ASP A 188 -0.23 9.65 -11.19
CA ASP A 188 1.16 9.75 -10.75
C ASP A 188 1.47 8.49 -9.95
N LEU A 189 0.62 8.19 -8.95
CA LEU A 189 0.72 7.04 -8.06
C LEU A 189 0.72 5.70 -8.80
N ALA A 190 -0.04 5.60 -9.91
CA ALA A 190 -0.10 4.37 -10.72
C ALA A 190 1.32 3.98 -11.18
N ILE A 191 2.13 4.96 -11.62
CA ILE A 191 3.49 4.72 -12.06
C ILE A 191 4.44 4.39 -10.90
N PHE A 192 4.36 5.17 -9.79
CA PHE A 192 5.18 5.01 -8.59
C PHE A 192 5.08 3.59 -8.01
N ILE A 193 3.82 3.08 -7.90
CA ILE A 193 3.51 1.72 -7.44
C ILE A 193 4.19 0.69 -8.36
N ALA A 194 4.16 0.92 -9.68
CA ALA A 194 4.81 0.01 -10.64
C ALA A 194 6.35 0.02 -10.46
N VAL A 195 6.95 1.23 -10.18
CA VAL A 195 8.39 1.40 -9.92
C VAL A 195 8.81 0.56 -8.71
N ILE A 196 8.03 0.65 -7.60
CA ILE A 196 8.24 -0.09 -6.35
C ILE A 196 8.24 -1.59 -6.57
N ILE A 197 7.19 -2.16 -7.23
CA ILE A 197 7.11 -3.61 -7.46
C ILE A 197 8.37 -4.09 -8.21
N LEU A 198 8.80 -3.35 -9.24
CA LEU A 198 9.94 -3.73 -10.06
C LEU A 198 11.32 -3.28 -9.56
N SER A 199 11.60 -3.58 -8.29
CA SER A 199 12.88 -3.30 -7.65
C SER A 199 13.75 -4.53 -7.87
N GLY A 200 14.84 -4.36 -8.62
CA GLY A 200 15.80 -5.42 -8.93
C GLY A 200 16.71 -5.83 -7.80
N ASP A 201 16.55 -5.21 -6.61
CA ASP A 201 17.41 -5.51 -5.45
C ASP A 201 16.73 -6.32 -4.33
N ARG A 202 15.54 -6.90 -4.59
CA ARG A 202 14.84 -7.73 -3.61
C ARG A 202 15.64 -9.03 -3.39
N PRO A 203 15.65 -9.57 -2.15
CA PRO A 203 16.42 -10.82 -1.90
C PRO A 203 15.88 -12.05 -2.64
N GLY A 204 16.81 -12.86 -3.17
CA GLY A 204 16.48 -14.11 -3.85
C GLY A 204 15.99 -14.01 -5.28
N LEU A 205 16.16 -12.83 -5.94
CA LEU A 205 15.79 -12.68 -7.36
C LEU A 205 16.76 -13.48 -8.22
N LEU A 206 16.24 -14.15 -9.25
CA LEU A 206 17.02 -15.00 -10.16
C LEU A 206 17.49 -14.26 -11.39
N ASN A 207 16.71 -13.26 -11.86
CA ASN A 207 17.06 -12.46 -13.03
C ASN A 207 16.85 -10.99 -12.74
N VAL A 208 17.92 -10.36 -12.25
CA VAL A 208 17.96 -8.95 -11.86
C VAL A 208 17.76 -8.01 -13.07
N LYS A 209 18.57 -8.18 -14.15
CA LYS A 209 18.51 -7.38 -15.38
C LYS A 209 17.11 -7.16 -15.97
N PRO A 210 16.26 -8.20 -16.23
CA PRO A 210 14.94 -7.91 -16.83
C PRO A 210 14.04 -7.02 -15.97
N ILE A 211 14.16 -7.14 -14.64
CA ILE A 211 13.41 -6.32 -13.67
C ILE A 211 13.89 -4.88 -13.77
N GLU A 212 15.24 -4.66 -13.70
CA GLU A 212 15.85 -3.32 -13.76
C GLU A 212 15.52 -2.59 -15.06
N ASP A 213 15.42 -3.36 -16.17
CA ASP A 213 15.08 -2.84 -17.50
C ASP A 213 13.65 -2.34 -17.54
N ILE A 214 12.68 -3.14 -17.03
CA ILE A 214 11.27 -2.74 -16.98
C ILE A 214 11.20 -1.46 -16.14
N GLN A 215 11.87 -1.48 -14.95
CA GLN A 215 11.93 -0.39 -13.98
C GLN A 215 12.55 0.87 -14.56
N ASP A 216 13.50 0.77 -15.53
CA ASP A 216 14.07 1.98 -16.12
C ASP A 216 13.02 2.65 -17.02
N ASN A 217 12.28 1.84 -17.80
CA ASN A 217 11.17 2.32 -18.64
C ASN A 217 10.10 3.01 -17.76
N LEU A 218 9.72 2.38 -16.63
CA LEU A 218 8.73 2.87 -15.64
C LEU A 218 9.22 4.13 -14.94
N LEU A 219 10.53 4.20 -14.62
CA LEU A 219 11.11 5.37 -14.01
C LEU A 219 11.10 6.55 -15.00
N GLN A 220 11.38 6.28 -16.30
CA GLN A 220 11.34 7.31 -17.35
C GLN A 220 9.92 7.87 -17.45
N ALA A 221 8.93 6.94 -17.58
CA ALA A 221 7.50 7.23 -17.66
C ALA A 221 7.07 8.17 -16.50
N LEU A 222 7.50 7.84 -15.26
CA LEU A 222 7.26 8.56 -14.01
C LEU A 222 7.80 9.95 -14.10
N GLU A 223 9.07 10.09 -14.51
CA GLU A 223 9.70 11.39 -14.65
C GLU A 223 8.90 12.30 -15.57
N LEU A 224 8.52 11.80 -16.78
CA LEU A 224 7.71 12.52 -17.78
C LEU A 224 6.29 12.88 -17.28
N GLN A 225 5.65 11.97 -16.51
CA GLN A 225 4.32 12.20 -15.94
C GLN A 225 4.35 13.37 -14.94
N LEU A 226 5.37 13.40 -14.06
CA LEU A 226 5.56 14.43 -13.04
C LEU A 226 5.99 15.78 -13.61
N LYS A 227 6.64 15.78 -14.78
CA LYS A 227 7.06 16.99 -15.47
C LYS A 227 5.86 17.65 -16.16
N LEU A 228 4.90 16.84 -16.63
CA LEU A 228 3.67 17.27 -17.30
C LEU A 228 2.53 17.50 -16.31
N ASN A 229 2.36 16.60 -15.34
CA ASN A 229 1.30 16.71 -14.33
C ASN A 229 1.58 17.75 -13.24
N HIS A 230 2.86 18.07 -13.01
CA HIS A 230 3.26 19.09 -12.02
C HIS A 230 4.37 19.94 -12.68
N PRO A 231 4.05 20.75 -13.72
CA PRO A 231 5.11 21.53 -14.39
C PRO A 231 5.78 22.59 -13.51
N GLU A 232 5.02 23.08 -12.53
CA GLU A 232 5.46 24.04 -11.53
C GLU A 232 6.34 23.38 -10.48
N SER A 233 6.13 22.07 -10.22
CA SER A 233 6.83 21.33 -9.19
C SER A 233 8.14 20.68 -9.56
N SER A 234 9.21 21.50 -9.52
CA SER A 234 10.59 21.06 -9.75
C SER A 234 10.98 20.21 -8.52
N GLN A 235 11.97 19.29 -8.69
CA GLN A 235 12.45 18.41 -7.62
C GLN A 235 11.39 17.40 -7.05
N LEU A 236 10.25 17.19 -7.74
CA LEU A 236 9.22 16.27 -7.23
C LEU A 236 9.62 14.79 -7.37
N PHE A 237 10.12 14.42 -8.56
CA PHE A 237 10.62 13.08 -8.87
C PHE A 237 11.76 12.76 -7.90
N ALA A 238 12.61 13.76 -7.60
CA ALA A 238 13.73 13.67 -6.66
C ALA A 238 13.26 13.33 -5.24
N LYS A 239 12.31 14.12 -4.70
CA LYS A 239 11.71 13.92 -3.37
C LYS A 239 10.99 12.58 -3.30
N LEU A 240 10.30 12.19 -4.40
CA LEU A 240 9.59 10.92 -4.55
C LEU A 240 10.54 9.71 -4.50
N LEU A 241 11.76 9.86 -5.06
CA LEU A 241 12.76 8.80 -5.03
C LEU A 241 13.35 8.65 -3.62
N GLN A 242 13.42 9.77 -2.87
CA GLN A 242 13.89 9.74 -1.49
C GLN A 242 12.87 9.00 -0.61
N LYS A 243 11.56 9.30 -0.81
CA LYS A 243 10.44 8.65 -0.10
C LYS A 243 10.43 7.14 -0.40
N MET A 244 10.81 6.77 -1.63
CA MET A 244 10.94 5.40 -2.11
C MET A 244 12.02 4.65 -1.31
N THR A 245 13.17 5.32 -1.05
CA THR A 245 14.29 4.80 -0.25
C THR A 245 13.83 4.67 1.22
N ASP A 246 13.12 5.72 1.75
CA ASP A 246 12.53 5.80 3.10
C ASP A 246 11.59 4.63 3.40
N LEU A 247 10.80 4.19 2.39
CA LEU A 247 9.81 3.12 2.55
C LEU A 247 10.38 1.81 3.03
N ARG A 248 11.62 1.49 2.63
CA ARG A 248 12.36 0.29 3.03
C ARG A 248 12.53 0.32 4.57
N GLN A 249 13.07 1.44 5.12
CA GLN A 249 13.28 1.62 6.56
C GLN A 249 11.97 1.59 7.32
N ILE A 250 10.96 2.25 6.74
CA ILE A 250 9.63 2.37 7.28
C ILE A 250 8.93 1.00 7.36
N VAL A 251 9.11 0.15 6.34
CA VAL A 251 8.54 -1.20 6.32
C VAL A 251 9.23 -2.13 7.34
N THR A 252 10.58 -2.11 7.47
CA THR A 252 11.25 -2.95 8.48
C THR A 252 10.71 -2.67 9.91
N GLU A 253 10.54 -1.35 10.26
CA GLU A 253 10.00 -0.86 11.55
C GLU A 253 8.59 -1.42 11.84
N HIS A 254 7.75 -1.57 10.78
CA HIS A 254 6.41 -2.13 10.84
C HIS A 254 6.46 -3.66 11.07
N VAL A 255 7.44 -4.34 10.44
CA VAL A 255 7.66 -5.79 10.58
C VAL A 255 8.17 -6.05 12.01
N GLN A 256 9.08 -5.19 12.49
CA GLN A 256 9.64 -5.25 13.84
C GLN A 256 8.50 -5.16 14.86
N LEU A 257 7.53 -4.26 14.62
CA LEU A 257 6.35 -4.04 15.45
C LEU A 257 5.39 -5.22 15.43
N LEU A 258 5.26 -5.90 14.28
CA LEU A 258 4.40 -7.07 14.14
C LEU A 258 4.89 -8.25 14.99
N GLN A 259 6.22 -8.45 15.08
CA GLN A 259 6.88 -9.46 15.90
C GLN A 259 6.67 -9.20 17.40
N VAL A 260 6.55 -7.92 17.80
CA VAL A 260 6.27 -7.52 19.18
C VAL A 260 4.85 -8.02 19.56
N ILE A 261 3.89 -7.93 18.61
CA ILE A 261 2.50 -8.39 18.76
C ILE A 261 2.46 -9.91 19.06
N LYS A 262 3.27 -10.71 18.31
CA LYS A 262 3.37 -12.17 18.42
C LYS A 262 3.96 -12.60 19.78
N LYS A 263 4.89 -11.81 20.33
CA LYS A 263 5.51 -12.08 21.62
C LYS A 263 4.56 -11.74 22.78
N THR A 264 3.69 -10.72 22.60
CA THR A 264 2.74 -10.29 23.63
C THR A 264 1.45 -11.11 23.61
N GLU A 265 0.76 -11.14 22.45
CA GLU A 265 -0.51 -11.85 22.26
C GLU A 265 -0.29 -13.34 22.07
N THR A 266 -1.29 -14.19 22.42
CA THR A 266 -1.14 -15.65 22.32
C THR A 266 -1.64 -16.29 20.98
N ASP A 267 -2.38 -17.43 21.07
CA ASP A 267 -2.94 -18.29 19.99
C ASP A 267 -3.67 -17.58 18.81
N MET A 268 -3.79 -16.24 18.87
CA MET A 268 -4.45 -15.35 17.91
C MET A 268 -4.01 -15.56 16.46
N SER A 269 -2.67 -15.44 16.20
CA SER A 269 -2.02 -15.58 14.88
C SER A 269 -2.49 -14.56 13.80
N LEU A 270 -1.76 -14.55 12.68
CA LEU A 270 -1.96 -13.70 11.52
C LEU A 270 -2.77 -14.43 10.46
N HIS A 271 -3.28 -13.70 9.46
CA HIS A 271 -4.06 -14.25 8.34
C HIS A 271 -3.14 -15.14 7.46
N PRO A 272 -3.61 -16.34 7.03
CA PRO A 272 -2.75 -17.23 6.19
C PRO A 272 -1.89 -16.52 5.15
N LEU A 273 -2.48 -15.56 4.41
CA LEU A 273 -1.76 -14.80 3.39
C LEU A 273 -0.67 -13.93 4.02
N LEU A 274 -0.97 -13.19 5.11
CA LEU A 274 0.00 -12.35 5.82
C LEU A 274 1.13 -13.20 6.42
N GLN A 275 0.78 -14.36 7.01
CA GLN A 275 1.72 -15.35 7.55
C GLN A 275 2.68 -15.74 6.45
N GLU A 276 2.14 -15.96 5.22
CA GLU A 276 2.86 -16.37 4.02
C GLU A 276 3.82 -15.28 3.51
N ILE A 277 3.37 -14.01 3.46
CA ILE A 277 4.23 -12.90 3.05
C ILE A 277 5.35 -12.70 4.10
N TYR A 278 4.98 -12.63 5.40
CA TYR A 278 5.95 -12.42 6.49
C TYR A 278 6.86 -13.61 6.77
N LYS A 279 6.48 -14.82 6.32
CA LYS A 279 7.26 -16.04 6.52
C LYS A 279 8.63 -15.97 5.84
N ASP A 280 9.68 -15.86 6.67
CA ASP A 280 11.10 -15.81 6.31
C ASP A 280 11.46 -14.68 5.34
N LEU A 281 11.58 -13.43 5.85
CA LEU A 281 11.95 -12.24 5.09
C LEU A 281 13.45 -11.98 5.23
N THR B 9 6.52 -20.39 -6.66
CA THR B 9 7.07 -20.96 -5.42
C THR B 9 6.04 -21.84 -4.68
N GLU B 10 6.50 -23.01 -4.20
CA GLU B 10 5.67 -23.95 -3.44
C GLU B 10 5.44 -23.45 -2.01
N ARG B 11 6.36 -22.60 -1.52
CA ARG B 11 6.35 -22.02 -0.17
C ARG B 11 5.48 -20.74 -0.07
N HIS B 12 4.77 -20.39 -1.18
CA HIS B 12 3.90 -19.23 -1.31
C HIS B 12 2.61 -19.60 -2.09
N LYS B 13 1.87 -20.59 -1.57
CA LYS B 13 0.65 -21.17 -2.16
C LYS B 13 -0.39 -20.15 -2.57
N ILE B 14 -0.72 -19.20 -1.68
CA ILE B 14 -1.73 -18.18 -1.97
C ILE B 14 -1.23 -17.19 -3.04
N LEU B 15 0.00 -16.63 -2.86
CA LEU B 15 0.64 -15.71 -3.81
C LEU B 15 0.69 -16.34 -5.21
N HIS B 16 1.10 -17.62 -5.30
CA HIS B 16 1.19 -18.42 -6.53
C HIS B 16 -0.19 -18.56 -7.19
N ARG B 17 -1.22 -18.92 -6.39
CA ARG B 17 -2.59 -19.08 -6.87
C ARG B 17 -3.18 -17.74 -7.35
N LEU B 18 -2.85 -16.63 -6.65
CA LEU B 18 -3.35 -15.30 -7.01
C LEU B 18 -2.77 -14.88 -8.33
N LEU B 19 -1.47 -15.16 -8.53
CA LEU B 19 -0.74 -14.85 -9.76
C LEU B 19 -1.21 -15.74 -10.91
N GLN B 20 -1.43 -17.03 -10.63
CA GLN B 20 -1.85 -17.98 -11.65
C GLN B 20 -3.34 -17.95 -12.02
N GLU B 21 -4.25 -17.76 -11.03
CA GLU B 21 -5.70 -17.81 -11.26
C GLU B 21 -6.51 -16.55 -10.91
N GLY B 22 -5.92 -15.65 -10.11
CA GLY B 22 -6.63 -14.46 -9.66
C GLY B 22 -7.39 -14.75 -8.37
N SER B 23 -8.13 -13.79 -7.86
CA SER B 23 -8.89 -13.96 -6.61
C SER B 23 -10.21 -14.73 -6.86
N PRO B 24 -10.54 -15.84 -6.12
CA PRO B 24 -11.83 -16.51 -6.36
C PRO B 24 -13.00 -15.82 -5.64
C1 14R C . -8.95 1.24 5.30
C2 14R C . -7.94 1.74 6.27
C3 14R C . -6.75 0.85 6.37
N1 14R C . -6.21 0.27 5.31
C4 14R C . -5.13 -0.47 5.75
C5 14R C . -4.24 -1.31 5.00
C6 14R C . -3.29 -1.97 5.69
N2 14R C . -3.12 -1.83 7.05
C7 14R C . -3.92 -1.02 7.87
O1 14R C . -3.66 -0.89 9.07
C8 14R C . -4.97 -0.35 7.15
N3 14R C . -6.03 0.49 7.57
C9 14R C . -6.39 0.74 8.99
C10 14R C . -6.66 2.18 9.46
C11 14R C . -7.63 1.99 10.63
C12 14R C . -8.39 0.77 10.24
C13 14R C . -7.71 0.05 9.28
C14 14R C . -8.24 -1.11 8.75
C15 14R C . -9.48 -1.55 9.17
C16 14R C . -10.22 -0.83 10.12
C17 14R C . -9.64 0.32 10.67
C18 14R C . -11.61 -1.25 10.49
C19 14R C . -11.95 -1.27 11.85
C20 14R C . -13.25 -1.53 12.26
C21 14R C . -14.24 -1.77 11.32
C22 14R C . -13.92 -1.78 9.97
C23 14R C . -12.62 -1.54 9.55
C24 14R C . -12.38 -1.63 8.09
N4 14R C . -12.58 -2.73 7.36
N5 14R C . -12.27 -2.46 6.07
N6 14R C . -11.87 -1.23 6.04
N7 14R C . -11.93 -0.68 7.28
C25 14R C . -2.03 -2.57 7.70
C26 14R C . -0.68 -2.20 7.13
C27 14R C . 0.17 -3.18 6.65
C28 14R C . 1.38 -2.84 6.09
C29 14R C . 1.76 -1.52 5.98
C30 14R C . 0.93 -0.54 6.47
C31 14R C . -0.29 -0.87 7.04
H5 14R C . -9.84 1.87 5.29
H3 14R C . -9.29 0.24 5.57
H4 14R C . -8.58 1.20 4.28
H7 14R C . -8.43 1.88 7.23
H6 14R C . -7.59 2.72 5.97
H8 14R C . -4.34 -1.38 3.93
H9 14R C . -2.64 -2.68 5.18
H1 14R C . -5.63 0.32 9.64
H11 14R C . -7.08 2.84 8.71
H10 14R C . -5.74 2.66 9.77
H13 14R C . -8.26 2.86 10.80
H12 14R C . -7.12 1.82 11.58
H14 14R C . -7.70 -1.68 7.99
H15 14R C . -9.89 -2.47 8.75
H16 14R C . -10.17 0.89 11.43
H17 14R C . -11.17 -1.10 12.60
H18 14R C . -13.49 -1.54 13.32
H19 14R C . -15.26 -1.95 11.64
H20 14R C . -14.72 -1.99 9.25
H2 14R C . -12.91 -3.65 7.63
H22 14R C . -2.20 -3.63 7.56
H21 14R C . -2.01 -2.48 8.78
H23 14R C . -0.10 -4.23 6.72
H24 14R C . 2.06 -3.62 5.74
H25 14R C . 2.71 -1.26 5.51
H26 14R C . 1.22 0.51 6.41
H27 14R C . -0.93 -0.09 7.44
#